data_7QYO
#
_entry.id   7QYO
#
_cell.length_a   37.390
_cell.length_b   35.068
_cell.length_c   37.910
_cell.angle_alpha   90.000
_cell.angle_beta   93.050
_cell.angle_gamma   90.000
#
_symmetry.space_group_name_H-M   'P 1 21 1'
#
loop_
_entity.id
_entity.type
_entity.pdbx_description
1 polymer 'Bromodomain adjacent to zinc finger domain protein 2A'
2 non-polymer 1-[2-methyl-4-(3-methylbutyl)-5-(2-piperazin-1-yl-1,3-thiazol-4-yl)-1~{H}-pyrrol-3-yl]ethanone
3 water water
#
_entity_poly.entity_id   1
_entity_poly.type   'polypeptide(L)'
_entity_poly.pdbx_seq_one_letter_code
;SMHSDLTFCEIILMEMESHDAAWPFLEPVNPRLVSGYRRIIKNPMDFSTMRHRLSRGGYTSSEEFAADALLVFDNCQTFN
EDDSEVGKAGHIMRRFFESRWEEFYQ
;
_entity_poly.pdbx_strand_id   A
#
loop_
_chem_comp.id
_chem_comp.type
_chem_comp.name
_chem_comp.formula
GKI non-polymer 1-[2-methyl-4-(3-methylbutyl)-5-(2-piperazin-1-yl-1,3-thiazol-4-yl)-1~{H}-pyrrol-3-yl]ethanone 'C19 H28 N4 O S'
#
# COMPACT_ATOMS: atom_id res chain seq x y z
N SER A 1 19.23 -7.51 -2.65
CA SER A 1 17.89 -7.80 -3.18
C SER A 1 17.00 -8.51 -2.15
N MET A 2 15.74 -8.72 -2.52
CA MET A 2 14.77 -9.32 -1.63
C MET A 2 15.15 -10.75 -1.27
N HIS A 3 15.04 -11.08 0.01
CA HIS A 3 15.23 -12.47 0.42
C HIS A 3 14.01 -13.30 0.04
N SER A 4 14.25 -14.55 -0.35
CA SER A 4 13.14 -15.41 -0.78
C SER A 4 12.08 -15.60 0.30
N ASP A 5 12.45 -15.47 1.58
CA ASP A 5 11.46 -15.62 2.64
C ASP A 5 10.36 -14.56 2.58
N LEU A 6 10.56 -13.47 1.85
CA LEU A 6 9.55 -12.43 1.71
C LEU A 6 8.77 -12.54 0.40
N THR A 7 8.91 -13.65 -0.33
CA THR A 7 8.16 -13.79 -1.57
C THR A 7 6.66 -13.67 -1.36
N PHE A 8 6.15 -14.15 -0.22
CA PHE A 8 4.71 -14.01 0.01
C PHE A 8 4.29 -12.55 0.06
N CYS A 9 5.18 -11.67 0.54
CA CYS A 9 4.89 -10.23 0.53
C CYS A 9 4.89 -9.68 -0.89
N GLU A 10 5.84 -10.12 -1.71
CA GLU A 10 5.91 -9.71 -3.10
C GLU A 10 4.61 -10.05 -3.83
N ILE A 11 4.05 -11.22 -3.52
CA ILE A 11 2.81 -11.67 -4.13
C ILE A 11 1.63 -10.85 -3.63
N ILE A 12 1.54 -10.60 -2.32
CA ILE A 12 0.47 -9.75 -1.80
C ILE A 12 0.50 -8.39 -2.48
N LEU A 13 1.68 -7.80 -2.61
CA LEU A 13 1.75 -6.47 -3.24
C LEU A 13 1.32 -6.53 -4.70
N MET A 14 1.76 -7.55 -5.44
CA MET A 14 1.32 -7.72 -6.83
C MET A 14 -0.20 -7.80 -6.91
N GLU A 15 -0.80 -8.58 -6.01
CA GLU A 15 -2.26 -8.73 -6.02
CA GLU A 15 -2.25 -8.73 -6.04
C GLU A 15 -2.95 -7.44 -5.65
N MET A 16 -2.38 -6.67 -4.70
CA MET A 16 -2.94 -5.37 -4.39
C MET A 16 -2.92 -4.46 -5.62
N GLU A 17 -1.78 -4.41 -6.31
CA GLU A 17 -1.65 -3.54 -7.47
C GLU A 17 -2.66 -3.89 -8.55
N SER A 18 -3.05 -5.16 -8.63
CA SER A 18 -3.99 -5.61 -9.64
C SER A 18 -5.45 -5.37 -9.26
N HIS A 19 -5.73 -4.98 -8.03
CA HIS A 19 -7.10 -4.87 -7.54
C HIS A 19 -7.80 -3.69 -8.18
N ASP A 20 -9.12 -3.83 -8.34
CA ASP A 20 -9.89 -2.77 -8.98
CA ASP A 20 -9.92 -2.79 -8.96
C ASP A 20 -9.86 -1.47 -8.20
N ALA A 21 -9.62 -1.50 -6.88
CA ALA A 21 -9.58 -0.29 -6.05
C ALA A 21 -8.17 0.26 -5.85
N ALA A 22 -7.20 -0.26 -6.58
CA ALA A 22 -5.82 0.11 -6.32
C ALA A 22 -5.37 1.35 -7.06
N TRP A 23 -6.13 1.79 -8.06
CA TRP A 23 -5.69 2.85 -8.96
C TRP A 23 -5.23 4.12 -8.25
N PRO A 24 -5.79 4.54 -7.11
CA PRO A 24 -5.27 5.77 -6.49
C PRO A 24 -3.88 5.63 -5.93
N PHE A 25 -3.43 4.40 -5.66
CA PHE A 25 -2.30 4.11 -4.78
C PHE A 25 -1.10 3.55 -5.53
N LEU A 26 -1.17 3.46 -6.85
CA LEU A 26 -0.12 2.78 -7.61
C LEU A 26 1.19 3.54 -7.62
N GLU A 27 1.14 4.87 -7.60
CA GLU A 27 2.31 5.74 -7.69
CA GLU A 27 2.31 5.74 -7.69
C GLU A 27 2.17 6.82 -6.63
N PRO A 28 3.27 7.52 -6.30
CA PRO A 28 3.17 8.59 -5.30
C PRO A 28 2.03 9.55 -5.60
N VAL A 29 1.40 10.07 -4.54
CA VAL A 29 0.37 11.09 -4.73
C VAL A 29 0.97 12.24 -5.51
N ASN A 30 0.30 12.65 -6.57
CA ASN A 30 0.91 13.47 -7.61
C ASN A 30 0.58 14.95 -7.40
N PRO A 31 1.56 15.82 -7.14
CA PRO A 31 1.26 17.26 -6.99
C PRO A 31 0.66 17.89 -8.23
N ARG A 32 0.83 17.28 -9.41
CA ARG A 32 0.16 17.79 -10.60
C ARG A 32 -1.36 17.64 -10.54
N LEU A 33 -1.84 16.74 -9.68
CA LEU A 33 -3.26 16.43 -9.59
C LEU A 33 -3.94 16.88 -8.31
N VAL A 34 -3.19 17.15 -7.23
CA VAL A 34 -3.81 17.60 -5.98
C VAL A 34 -2.78 18.45 -5.22
N SER A 35 -3.22 19.55 -4.64
CA SER A 35 -2.36 20.42 -3.86
C SER A 35 -2.50 20.11 -2.37
N GLY A 36 -1.51 20.59 -1.62
CA GLY A 36 -1.58 20.54 -0.18
C GLY A 36 -1.44 19.18 0.43
N TYR A 37 -0.93 18.18 -0.31
CA TYR A 37 -0.89 16.81 0.21
C TYR A 37 0.25 16.64 1.21
N ARG A 38 1.49 16.86 0.78
CA ARG A 38 2.66 16.72 1.65
C ARG A 38 2.66 17.77 2.75
N ARG A 39 1.86 18.84 2.61
CA ARG A 39 1.67 19.77 3.73
C ARG A 39 1.17 19.01 4.97
N ILE A 40 0.27 18.06 4.76
CA ILE A 40 -0.44 17.32 5.80
C ILE A 40 0.17 15.94 6.05
N ILE A 41 0.55 15.26 4.98
CA ILE A 41 0.96 13.86 5.03
C ILE A 41 2.48 13.83 5.06
N LYS A 42 3.02 13.51 6.23
CA LYS A 42 4.45 13.60 6.47
C LYS A 42 5.22 12.38 5.97
N ASN A 43 4.56 11.23 5.75
CA ASN A 43 5.24 10.02 5.26
C ASN A 43 4.42 9.43 4.13
N PRO A 44 4.47 10.03 2.95
CA PRO A 44 3.73 9.47 1.79
C PRO A 44 4.17 8.04 1.52
N MET A 45 3.24 7.23 1.00
CA MET A 45 3.58 5.88 0.60
C MET A 45 2.65 5.46 -0.53
N ASP A 46 3.16 4.57 -1.38
CA ASP A 46 2.40 4.10 -2.55
C ASP A 46 2.98 2.73 -2.94
N PHE A 47 2.23 2.01 -3.77
CA PHE A 47 2.61 0.64 -4.09
C PHE A 47 3.89 0.53 -4.94
N SER A 48 4.16 1.49 -5.84
CA SER A 48 5.39 1.42 -6.62
CA SER A 48 5.40 1.40 -6.61
CA SER A 48 5.40 1.42 -6.62
C SER A 48 6.61 1.62 -5.72
N THR A 49 6.54 2.59 -4.81
CA THR A 49 7.62 2.77 -3.85
C THR A 49 7.85 1.49 -3.07
N MET A 50 6.77 0.85 -2.62
CA MET A 50 6.90 -0.42 -1.89
C MET A 50 7.51 -1.51 -2.76
N ARG A 51 7.09 -1.59 -4.03
CA ARG A 51 7.57 -2.64 -4.92
C ARG A 51 9.08 -2.54 -5.11
N HIS A 52 9.57 -1.31 -5.32
CA HIS A 52 10.99 -1.11 -5.51
C HIS A 52 11.76 -1.33 -4.22
N ARG A 53 11.20 -0.89 -3.09
CA ARG A 53 11.86 -1.10 -1.81
C ARG A 53 11.99 -2.60 -1.52
N LEU A 54 10.91 -3.34 -1.71
CA LEU A 54 10.95 -4.78 -1.46
C LEU A 54 11.98 -5.46 -2.35
N SER A 55 11.98 -5.14 -3.64
CA SER A 55 12.84 -5.86 -4.56
CA SER A 55 12.85 -5.84 -4.57
C SER A 55 14.32 -5.58 -4.32
N ARG A 56 14.68 -4.39 -3.83
CA ARG A 56 16.08 -4.04 -3.64
C ARG A 56 16.63 -4.49 -2.30
N GLY A 57 15.81 -5.07 -1.43
CA GLY A 57 16.26 -5.45 -0.10
C GLY A 57 16.01 -4.42 0.98
N GLY A 58 15.17 -3.42 0.70
CA GLY A 58 14.85 -2.38 1.66
C GLY A 58 13.85 -2.76 2.74
N TYR A 59 13.25 -3.95 2.67
CA TYR A 59 12.52 -4.52 3.80
C TYR A 59 13.29 -5.73 4.27
N THR A 60 13.78 -5.68 5.51
CA THR A 60 14.41 -6.84 6.09
C THR A 60 13.37 -7.83 6.61
N SER A 61 12.23 -7.33 7.07
CA SER A 61 11.19 -8.17 7.64
C SER A 61 9.83 -7.88 7.03
N SER A 62 8.96 -8.87 7.14
CA SER A 62 7.58 -8.72 6.69
C SER A 62 6.85 -7.64 7.46
N GLU A 63 7.23 -7.40 8.72
CA GLU A 63 6.55 -6.37 9.51
C GLU A 63 6.83 -4.99 8.94
N GLU A 64 8.04 -4.76 8.43
CA GLU A 64 8.35 -3.47 7.82
C GLU A 64 7.54 -3.27 6.55
N PHE A 65 7.38 -4.33 5.76
CA PHE A 65 6.53 -4.29 4.57
C PHE A 65 5.09 -3.95 4.95
N ALA A 66 4.56 -4.63 5.95
CA ALA A 66 3.17 -4.41 6.34
C ALA A 66 2.97 -3.00 6.87
N ALA A 67 3.98 -2.45 7.58
CA ALA A 67 3.86 -1.09 8.08
C ALA A 67 3.72 -0.10 6.94
N ASP A 68 4.44 -0.30 5.84
CA ASP A 68 4.28 0.59 4.69
C ASP A 68 2.92 0.39 4.02
N ALA A 69 2.42 -0.85 3.91
CA ALA A 69 1.08 -1.04 3.38
C ALA A 69 0.06 -0.26 4.19
N LEU A 70 0.11 -0.40 5.51
CA LEU A 70 -0.85 0.28 6.36
C LEU A 70 -0.69 1.80 6.28
N LEU A 71 0.53 2.28 6.06
CA LEU A 71 0.76 3.71 5.88
C LEU A 71 0.00 4.24 4.65
N VAL A 72 -0.04 3.48 3.56
CA VAL A 72 -0.85 3.87 2.40
C VAL A 72 -2.27 4.17 2.84
N PHE A 73 -2.86 3.24 3.60
CA PHE A 73 -4.27 3.35 3.96
C PHE A 73 -4.49 4.38 5.07
N ASP A 74 -3.54 4.49 6.01
CA ASP A 74 -3.64 5.50 7.05
C ASP A 74 -3.55 6.91 6.46
N ASN A 75 -2.62 7.13 5.52
CA ASN A 75 -2.54 8.42 4.86
C ASN A 75 -3.84 8.75 4.13
N CYS A 76 -4.39 7.75 3.45
CA CYS A 76 -5.61 7.96 2.68
C CYS A 76 -6.75 8.39 3.58
N GLN A 77 -6.90 7.76 4.75
CA GLN A 77 -7.97 8.16 5.65
C GLN A 77 -7.68 9.49 6.35
N THR A 78 -6.41 9.90 6.45
CA THR A 78 -6.10 11.21 7.00
C THR A 78 -6.40 12.36 6.06
N PHE A 79 -6.31 12.12 4.76
CA PHE A 79 -6.40 13.21 3.79
C PHE A 79 -7.78 13.28 3.17
N ASN A 80 -8.42 12.13 2.96
CA ASN A 80 -9.61 12.06 2.14
C ASN A 80 -10.84 11.78 2.98
N GLU A 81 -11.95 12.40 2.60
CA GLU A 81 -13.23 12.08 3.24
C GLU A 81 -13.61 10.63 2.97
N ASP A 82 -14.26 10.02 3.95
CA ASP A 82 -14.61 8.60 3.84
C ASP A 82 -15.51 8.33 2.65
N ASP A 83 -16.37 9.28 2.26
CA ASP A 83 -17.31 9.06 1.16
C ASP A 83 -16.78 9.54 -0.19
N SER A 84 -15.53 9.97 -0.27
CA SER A 84 -14.93 10.32 -1.54
C SER A 84 -14.51 9.07 -2.29
N GLU A 85 -14.26 9.21 -3.59
CA GLU A 85 -13.87 8.05 -4.38
C GLU A 85 -12.58 7.43 -3.86
N VAL A 86 -11.58 8.27 -3.57
CA VAL A 86 -10.31 7.72 -3.09
C VAL A 86 -10.45 7.23 -1.65
N GLY A 87 -11.23 7.92 -0.81
CA GLY A 87 -11.47 7.42 0.53
C GLY A 87 -12.10 6.03 0.54
N LYS A 88 -13.10 5.81 -0.31
CA LYS A 88 -13.72 4.50 -0.41
C LYS A 88 -12.72 3.45 -0.89
N ALA A 89 -11.89 3.81 -1.87
CA ALA A 89 -10.91 2.87 -2.39
C ALA A 89 -9.92 2.45 -1.30
N GLY A 90 -9.51 3.39 -0.44
CA GLY A 90 -8.61 3.04 0.63
C GLY A 90 -9.19 2.03 1.59
N HIS A 91 -10.48 2.16 1.93
CA HIS A 91 -11.11 1.19 2.82
C HIS A 91 -11.22 -0.18 2.17
N ILE A 92 -11.51 -0.25 0.86
CA ILE A 92 -11.52 -1.52 0.15
C ILE A 92 -10.14 -2.15 0.22
N MET A 93 -9.11 -1.36 -0.07
CA MET A 93 -7.75 -1.91 -0.13
C MET A 93 -7.26 -2.35 1.24
N ARG A 94 -7.60 -1.61 2.30
CA ARG A 94 -7.21 -2.03 3.64
C ARG A 94 -7.80 -3.40 3.96
N ARG A 95 -9.09 -3.57 3.68
CA ARG A 95 -9.73 -4.87 3.94
CA ARG A 95 -9.73 -4.86 3.94
C ARG A 95 -9.06 -5.98 3.14
N PHE A 96 -8.79 -5.71 1.87
CA PHE A 96 -8.15 -6.70 1.02
C PHE A 96 -6.77 -7.07 1.58
N PHE A 97 -5.97 -6.07 1.93
CA PHE A 97 -4.66 -6.34 2.50
C PHE A 97 -4.77 -7.15 3.78
N GLU A 98 -5.61 -6.70 4.72
CA GLU A 98 -5.67 -7.33 6.02
C GLU A 98 -6.17 -8.77 5.92
N SER A 99 -7.06 -9.05 4.97
CA SER A 99 -7.52 -10.42 4.76
CA SER A 99 -7.53 -10.40 4.75
C SER A 99 -6.40 -11.29 4.26
N ARG A 100 -5.56 -10.79 3.36
CA ARG A 100 -4.42 -11.57 2.90
CA ARG A 100 -4.40 -11.56 2.89
C ARG A 100 -3.38 -11.74 4.01
N TRP A 101 -3.11 -10.67 4.76
CA TRP A 101 -2.13 -10.75 5.84
C TRP A 101 -2.54 -11.75 6.91
N GLU A 102 -3.84 -11.80 7.22
CA GLU A 102 -4.34 -12.67 8.28
CA GLU A 102 -4.32 -12.67 8.29
C GLU A 102 -4.18 -14.14 7.94
N GLU A 103 -4.02 -14.50 6.67
CA GLU A 103 -3.72 -15.88 6.35
C GLU A 103 -2.35 -16.29 6.91
N PHE A 104 -1.42 -15.34 6.93
CA PHE A 104 -0.05 -15.60 7.36
C PHE A 104 0.18 -15.29 8.84
N TYR A 105 -0.62 -14.39 9.42
CA TYR A 105 -0.41 -13.93 10.78
C TYR A 105 -1.67 -14.26 11.57
N GLN A 106 -1.69 -15.47 12.11
CA GLN A 106 -2.78 -16.02 12.90
C GLN A 106 -2.22 -17.16 13.73
C11 GKI B . -5.02 11.34 -2.23
C11 GKI B . -5.04 11.31 -2.35
C12 GKI B . -5.09 12.90 -2.10
C12 GKI B . -5.16 12.84 -2.19
C14 GKI B . -3.96 8.41 -2.86
C14 GKI B . -3.98 8.40 -2.97
C15 GKI B . -5.59 10.26 -7.28
C15 GKI B . -5.51 10.28 -7.31
C18 GKI B . -5.22 9.74 -9.51
C18 GKI B . -5.15 9.75 -9.45
N20 GKI B . -4.51 9.14 -10.66
N20 GKI B . -4.41 9.17 -10.56
C25 GKI B . -3.15 8.50 -10.46
C25 GKI B . -3.05 8.54 -10.38
C16 GKI B . -6.69 10.90 -7.94
C16 GKI B . -6.69 10.79 -7.94
C01 GKI B . -7.85 15.16 -5.02
C01 GKI B . -7.94 15.07 -5.12
C02 GKI B . -8.31 13.85 -5.63
C02 GKI B . -8.41 13.73 -5.64
C03 GKI B . -9.87 13.73 -5.55
C03 GKI B . -8.38 13.66 -7.20
C04 GKI B . -7.62 12.64 -4.93
C04 GKI B . -7.60 12.58 -4.98
C05 GKI B . -6.12 12.63 -5.12
C05 GKI B . -6.11 12.67 -5.20
C06 GKI B . -5.47 11.20 -4.78
C06 GKI B . -5.43 11.24 -4.89
C07 GKI B . -5.26 10.20 -5.75
C07 GKI B . -5.20 10.26 -5.83
C09 GKI B . -4.55 9.38 -3.83
C09 GKI B . -4.54 9.41 -3.93
C10 GKI B . -5.02 10.67 -3.58
C10 GKI B . -5.02 10.69 -3.70
C21 GKI B . -5.10 9.05 -12.06
C21 GKI B . -5.02 9.09 -11.93
C22 GKI B . -4.07 9.08 -13.17
C22 GKI B . -4.03 9.05 -13.08
C24 GKI B . -2.27 8.44 -11.69
C24 GKI B . -2.22 8.43 -11.64
N08 GKI B . -4.70 9.13 -5.16
N08 GKI B . -4.66 9.19 -5.26
N19 GKI B . -4.74 9.56 -8.23
N19 GKI B . -4.62 9.61 -8.19
N23 GKI B . -2.98 8.19 -12.94
N23 GKI B . -2.98 8.13 -12.85
O13 GKI B . -4.97 10.72 -1.29
O13 GKI B . -4.92 10.64 -1.43
S17 GKI B . -6.59 10.65 -9.53
S17 GKI B . -6.62 10.54 -9.54
H123 GKI B . -4.84 13.16 -1.21
H123 GKI B . -4.92 13.09 -1.29
H121 GKI B . -5.98 13.20 -2.30
H121 GKI B . -6.07 13.12 -2.37
H122 GKI B . -4.47 13.30 -2.74
H122 GKI B . -4.56 13.28 -2.82
H142 GKI B . -3.92 8.81 -1.97
H142 GKI B . -3.97 8.79 -2.07
H143 GKI B . -3.06 8.16 -3.15
H143 GKI B . -3.07 8.18 -3.23
H141 GKI B . -4.51 7.61 -2.83
H141 GKI B . -4.53 7.61 -2.97
H252 GKI B . -3.28 7.59 -10.15
H252 GKI B . -3.17 7.64 -10.02
H251 GKI B . -2.68 8.99 -9.78
H251 GKI B . -2.55 9.06 -9.74
H161 GKI B . -7.36 11.39 -7.52
H161 GKI B . -7.38 11.24 -7.51
H012 GKI B . -8.24 15.90 -5.51
H012 GKI B . -8.51 15.77 -5.46
H011 GKI B . -6.88 15.22 -5.07
H011 GKI B . -7.02 15.22 -5.41
H013 GKI B . -8.12 15.21 -4.09
H013 GKI B . -7.97 15.07 -4.15
H021 GKI B . -8.06 13.85 -6.57
H021 GKI B . -9.33 13.62 -5.36
H033 GKI B . -10.20 14.27 -4.82
H033 GKI B . -8.45 14.55 -7.57
H032 GKI B . -10.12 12.80 -5.41
H032 GKI B . -7.55 13.26 -7.49
H031 GKI B . -10.27 14.04 -6.38
H031 GKI B . -9.12 13.13 -7.52
H041 GKI B . -7.98 11.81 -5.31
H041 GKI B . -7.91 11.74 -5.34
H042 GKI B . -7.82 12.66 -3.98
H042 GKI B . -7.76 12.59 -4.02
H052 GKI B . -5.74 13.30 -4.52
H052 GKI B . -5.72 13.33 -4.61
H051 GKI B . -5.91 12.87 -6.03
H051 GKI B . -5.93 12.91 -6.12
H211 GKI B . -5.71 9.79 -12.18
H211 GKI B . -5.60 9.85 -12.06
H212 GKI B . -5.60 8.22 -12.13
H212 GKI B . -5.56 8.29 -11.99
H221 GKI B . -3.72 9.99 -13.24
H221 GKI B . -3.64 9.94 -13.19
H222 GKI B . -4.49 8.83 -14.00
H222 GKI B . -4.48 8.80 -13.90
H241 GKI B . -1.61 7.73 -11.56
H241 GKI B . -1.56 7.73 -11.50
H242 GKI B . -1.80 9.28 -11.76
H242 GKI B . -1.76 9.27 -11.77
H081 GKI B . -4.49 8.40 -5.56
H081 GKI B . -4.45 8.46 -5.66
H231 GKI B . -2.41 8.24 -13.62
H231 GKI B . -2.43 8.12 -13.54
C11 GKI C . -6.90 11.63 -13.87
C12 GKI C . -6.99 10.94 -15.27
C14 GKI C . -7.46 13.70 -11.55
C15 GKI C . -11.09 10.34 -11.11
C18 GKI C . -13.12 9.26 -11.16
N20 GKI C . -14.30 8.62 -11.77
C25 GKI C . -14.66 8.84 -13.24
C16 GKI C . -11.40 10.23 -9.72
C01 GKI C . -7.47 5.92 -13.11
C02 GKI C . -8.63 6.81 -13.46
C03 GKI C . -9.94 6.39 -12.70
C04 GKI C . -8.27 8.29 -13.14
C05 GKI C . -9.31 9.28 -13.62
C06 GKI C . -9.06 10.61 -12.77
C07 GKI C . -9.84 11.01 -11.68
C09 GKI C . -8.24 12.47 -11.86
C10 GKI C . -8.03 11.53 -12.88
C21 GKI C . -15.28 7.72 -11.07
C22 GKI C . -15.84 6.68 -12.03
C24 GKI C . -16.12 8.58 -13.52
N08 GKI C . -9.34 12.12 -11.16
N19 GKI C . -12.12 9.79 -11.96
N23 GKI C . -16.60 7.27 -13.09
O13 GKI C . -5.98 12.25 -13.62
S17 GKI C . -12.80 9.45 -9.54
H123 GKI C . -7.57 11.45 -15.85
H121 GKI C . -7.33 10.04 -15.17
H122 GKI C . -6.09 10.91 -15.66
H142 GKI C . -7.15 13.66 -10.62
H143 GKI C . -6.70 13.77 -12.14
H141 GKI C . -8.02 14.48 -11.66
H252 GKI C . -14.45 9.75 -13.48
H251 GKI C . -14.13 8.23 -13.77
H161 GKI C . -10.86 10.52 -9.03
H012 GKI C . -7.68 5.00 -13.36
H011 GKI C . -6.68 6.21 -13.60
H013 GKI C . -7.29 5.98 -12.16
H021 GKI C . -8.80 6.75 -14.41
H033 GKI C . -10.02 6.91 -11.89
H032 GKI C . -9.87 5.45 -12.47
H031 GKI C . -10.71 6.54 -13.28
H041 GKI C . -7.43 8.50 -13.55
H042 GKI C . -8.18 8.39 -12.18
H052 GKI C . -10.20 8.94 -13.47
H051 GKI C . -9.18 9.46 -14.58
H211 GKI C . -16.01 8.25 -10.70
H212 GKI C . -14.82 7.26 -10.34
H221 GKI C . -16.41 6.07 -11.54
H222 GKI C . -15.10 6.18 -12.43
H241 GKI C . -16.65 9.27 -13.08
H242 GKI C . -16.26 8.66 -14.49
H081 GKI C . -9.67 12.55 -10.49
H231 GKI C . -17.45 7.34 -12.83
#